data_5QU0
#
_entry.id   5QU0
#
_cell.length_a   41.730
_cell.length_b   78.110
_cell.length_c   90.470
_cell.angle_alpha   90.000
_cell.angle_beta   90.000
_cell.angle_gamma   90.000
#
_symmetry.space_group_name_H-M   'P 21 21 21'
#
loop_
_entity.id
_entity.type
_entity.pdbx_description
1 polymer 'TGF-beta receptor type-1'
2 non-polymer 6-[4-(3-chloro-4-fluorophenyl)-1-(2-hydroxyethyl)-1H-imidazol-5-yl]imidazo[1,2-b]pyridazine-3-carbonitrile
3 non-polymer GLYCEROL
4 water water
#
_entity_poly.entity_id   1
_entity_poly.type   'polypeptide(L)'
_entity_poly.pdbx_seq_one_letter_code
;GHMTIARDIVLQESIGKGRFGEVWRGKWRGEEVAVKIFSSREERSWFREAEIYQTVMLRHENILGFIAADNKDNGTWTQL
WLVSDYHEHGSLFDYLNRYTVTVEGMIKLALSTASGLAHLHMEIVGTQGKPAIAHRDLKSKNILVKKNGTCCIADLGLAV
RHDSATDTIDIAPNHRVGTKRYMAPEVLDDSINMKHFESFKRADIYAMGLVFWEIARRCSIGGIHEDYQLPYYDLVPSDP
SVEEMRKVVCEQKLRPNIPNRWQSCEALRVMAKIMRECWYANGAARLTALRIKKTLSQLSQQEGIKM
;
_entity_poly.pdbx_strand_id   A
#
loop_
_chem_comp.id
_chem_comp.type
_chem_comp.name
_chem_comp.formula
GOL non-polymer GLYCEROL 'C3 H8 O3'
QMV non-polymer 6-[4-(3-chloro-4-fluorophenyl)-1-(2-hydroxyethyl)-1H-imidazol-5-yl]imidazo[1,2-b]pyridazine-3-carbonitrile 'C18 H12 Cl F N6 O'
#
# COMPACT_ATOMS: atom_id res chain seq x y z
N GLY A 1 -22.23 21.15 -15.41
CA GLY A 1 -21.77 20.04 -14.59
C GLY A 1 -20.90 19.06 -15.35
N HIS A 2 -19.57 19.16 -15.16
CA HIS A 2 -18.61 18.25 -15.80
C HIS A 2 -17.81 17.43 -14.77
N MET A 3 -17.57 17.99 -13.57
CA MET A 3 -16.83 17.28 -12.51
C MET A 3 -17.76 16.21 -11.88
N THR A 4 -17.16 15.17 -11.32
CA THR A 4 -17.90 14.07 -10.66
C THR A 4 -18.33 14.55 -9.27
N ILE A 5 -19.64 14.34 -8.96
CA ILE A 5 -20.32 14.74 -7.71
C ILE A 5 -21.29 13.63 -7.20
N ALA A 6 -21.45 13.55 -5.88
CA ALA A 6 -22.21 12.49 -5.23
C ALA A 6 -23.67 12.40 -5.62
N ARG A 7 -24.31 13.54 -5.91
CA ARG A 7 -25.73 13.50 -6.25
C ARG A 7 -26.03 12.73 -7.52
N ASP A 8 -25.03 12.61 -8.42
CA ASP A 8 -25.10 11.94 -9.75
C ASP A 8 -24.54 10.50 -9.71
N ILE A 9 -24.26 9.96 -8.51
CA ILE A 9 -23.69 8.63 -8.42
C ILE A 9 -24.74 7.71 -7.84
N VAL A 10 -24.92 6.51 -8.45
CA VAL A 10 -25.88 5.52 -7.98
C VAL A 10 -25.12 4.30 -7.49
N LEU A 11 -25.29 3.93 -6.22
CA LEU A 11 -24.61 2.78 -5.65
C LEU A 11 -25.23 1.50 -6.20
N GLN A 12 -24.39 0.54 -6.57
CA GLN A 12 -24.84 -0.70 -7.19
C GLN A 12 -24.54 -1.96 -6.37
N GLU A 13 -23.40 -1.98 -5.67
CA GLU A 13 -22.97 -3.22 -5.02
C GLU A 13 -22.02 -2.94 -3.87
N SER A 14 -22.18 -3.67 -2.75
CA SER A 14 -21.29 -3.58 -1.59
C SER A 14 -20.04 -4.38 -1.93
N ILE A 15 -18.86 -3.76 -1.82
CA ILE A 15 -17.64 -4.46 -2.27
C ILE A 15 -16.56 -4.57 -1.17
N GLY A 16 -16.76 -3.91 -0.03
CA GLY A 16 -15.78 -3.96 1.06
C GLY A 16 -16.06 -3.04 2.23
N LYS A 17 -15.38 -3.30 3.35
CA LYS A 17 -15.50 -2.47 4.55
C LYS A 17 -14.12 -1.92 4.82
N GLY A 18 -13.98 -0.59 4.78
CA GLY A 18 -12.71 0.13 4.99
C GLY A 18 -12.31 0.15 6.45
N ARG A 19 -11.19 0.88 6.78
CA ARG A 19 -10.75 1.02 8.20
C ARG A 19 -11.92 1.61 8.98
N PHE A 20 -12.54 2.65 8.41
CA PHE A 20 -13.78 3.28 8.85
C PHE A 20 -14.61 3.39 7.56
N GLY A 21 -15.91 3.30 7.66
CA GLY A 21 -16.77 3.42 6.49
C GLY A 21 -16.79 2.25 5.52
N GLU A 22 -17.87 2.18 4.75
CA GLU A 22 -18.16 1.08 3.83
C GLU A 22 -17.84 1.44 2.38
N VAL A 23 -17.38 0.44 1.62
CA VAL A 23 -16.99 0.61 0.23
C VAL A 23 -18.04 -0.01 -0.71
N TRP A 24 -18.40 0.74 -1.74
CA TRP A 24 -19.39 0.31 -2.73
C TRP A 24 -18.90 0.53 -4.13
N ARG A 25 -19.44 -0.23 -5.08
CA ARG A 25 -19.26 0.03 -6.50
C ARG A 25 -20.48 0.89 -6.88
N GLY A 26 -20.23 1.97 -7.61
CA GLY A 26 -21.29 2.87 -8.06
C GLY A 26 -21.11 3.26 -9.51
N LYS A 27 -22.14 3.89 -10.08
CA LYS A 27 -22.07 4.32 -11.47
C LYS A 27 -22.17 5.82 -11.54
N TRP A 28 -21.22 6.45 -12.22
CA TRP A 28 -21.19 7.91 -12.36
C TRP A 28 -21.05 8.17 -13.85
N ARG A 29 -22.08 8.83 -14.43
CA ARG A 29 -22.13 9.19 -15.86
C ARG A 29 -21.66 8.04 -16.75
N GLY A 30 -22.35 6.91 -16.56
CA GLY A 30 -22.17 5.65 -17.25
C GLY A 30 -20.92 4.86 -16.89
N GLU A 31 -20.03 5.39 -15.99
CA GLU A 31 -18.78 4.71 -15.65
C GLU A 31 -18.79 4.16 -14.24
N GLU A 32 -18.01 3.09 -14.01
CA GLU A 32 -17.94 2.50 -12.67
C GLU A 32 -16.93 3.24 -11.80
N VAL A 33 -17.32 3.52 -10.58
CA VAL A 33 -16.43 4.17 -9.59
C VAL A 33 -16.50 3.41 -8.25
N ALA A 34 -15.53 3.63 -7.35
CA ALA A 34 -15.59 3.07 -5.99
C ALA A 34 -15.98 4.24 -5.09
N VAL A 35 -16.85 3.97 -4.15
CA VAL A 35 -17.32 5.00 -3.21
C VAL A 35 -17.10 4.48 -1.80
N LYS A 36 -16.49 5.29 -0.93
CA LYS A 36 -16.33 4.94 0.48
C LYS A 36 -17.18 5.92 1.25
N ILE A 37 -18.06 5.38 2.10
CA ILE A 37 -19.03 6.17 2.84
C ILE A 37 -18.75 6.14 4.34
N PHE A 38 -18.75 7.33 4.93
CA PHE A 38 -18.53 7.56 6.36
C PHE A 38 -19.77 8.23 6.97
N SER A 39 -20.02 7.96 8.26
CA SER A 39 -21.07 8.69 8.96
C SER A 39 -20.53 10.06 9.39
N SER A 40 -21.42 10.97 9.77
CA SER A 40 -21.11 12.33 10.23
C SER A 40 -20.12 12.35 11.42
N ARG A 41 -20.21 11.36 12.31
CA ARG A 41 -19.29 11.30 13.47
C ARG A 41 -17.87 10.86 13.11
N GLU A 42 -17.68 10.40 11.86
CA GLU A 42 -16.38 9.96 11.37
C GLU A 42 -15.75 11.06 10.49
N GLU A 43 -16.23 12.31 10.60
CA GLU A 43 -15.73 13.43 9.80
C GLU A 43 -14.21 13.58 9.85
N ARG A 44 -13.60 13.36 11.03
CA ARG A 44 -12.14 13.51 11.15
C ARG A 44 -11.37 12.54 10.23
N SER A 45 -11.77 11.25 10.22
N SER A 45 -11.77 11.25 10.21
CA SER A 45 -11.15 10.24 9.37
CA SER A 45 -11.15 10.24 9.37
C SER A 45 -11.40 10.55 7.89
C SER A 45 -11.41 10.51 7.88
N TRP A 46 -12.66 10.87 7.53
CA TRP A 46 -13.03 11.19 6.13
C TRP A 46 -12.22 12.41 5.67
N PHE A 47 -12.15 13.44 6.52
CA PHE A 47 -11.43 14.68 6.15
C PHE A 47 -9.93 14.43 5.94
N ARG A 48 -9.31 13.67 6.87
CA ARG A 48 -7.87 13.38 6.77
C ARG A 48 -7.58 12.63 5.45
N GLU A 49 -8.40 11.63 5.08
CA GLU A 49 -8.25 10.89 3.81
C GLU A 49 -8.43 11.84 2.61
N ALA A 50 -9.49 12.68 2.64
CA ALA A 50 -9.73 13.67 1.57
C ALA A 50 -8.48 14.59 1.41
N GLU A 51 -7.92 15.03 2.53
CA GLU A 51 -6.76 15.90 2.55
C GLU A 51 -5.54 15.19 1.94
N ILE A 52 -5.27 13.93 2.32
CA ILE A 52 -4.11 13.24 1.73
C ILE A 52 -4.30 13.01 0.22
N TYR A 53 -5.48 12.52 -0.17
CA TYR A 53 -5.76 12.26 -1.58
C TYR A 53 -5.76 13.51 -2.45
N GLN A 54 -5.90 14.72 -1.84
CA GLN A 54 -5.89 15.99 -2.56
C GLN A 54 -4.51 16.63 -2.59
N THR A 55 -3.49 15.94 -2.03
CA THR A 55 -2.13 16.45 -2.03
C THR A 55 -1.68 16.81 -3.45
N VAL A 56 -1.07 18.00 -3.59
CA VAL A 56 -0.54 18.47 -4.87
CA VAL A 56 -0.54 18.45 -4.88
C VAL A 56 0.41 17.42 -5.46
N MET A 57 0.31 17.17 -6.78
CA MET A 57 1.14 16.23 -7.54
C MET A 57 1.12 14.77 -7.07
N LEU A 58 0.07 14.34 -6.37
CA LEU A 58 0.01 12.98 -5.87
C LEU A 58 -0.23 11.95 -6.99
N ARG A 59 -1.04 12.32 -7.98
CA ARG A 59 -1.49 11.39 -9.02
C ARG A 59 -0.35 10.69 -9.74
N HIS A 60 -0.53 9.38 -9.93
CA HIS A 60 0.46 8.49 -10.52
C HIS A 60 -0.22 7.22 -10.93
N GLU A 61 0.27 6.56 -11.99
CA GLU A 61 -0.37 5.32 -12.45
C GLU A 61 -0.42 4.22 -11.36
N ASN A 62 0.47 4.30 -10.34
CA ASN A 62 0.49 3.25 -9.33
C ASN A 62 0.02 3.73 -7.95
N ILE A 63 -0.79 4.78 -7.95
CA ILE A 63 -1.47 5.30 -6.76
C ILE A 63 -2.96 5.37 -7.12
N LEU A 64 -3.84 4.89 -6.22
CA LEU A 64 -5.28 4.91 -6.49
C LEU A 64 -5.69 6.32 -6.98
N GLY A 65 -6.38 6.37 -8.13
CA GLY A 65 -6.83 7.64 -8.70
C GLY A 65 -8.03 8.18 -7.95
N PHE A 66 -7.85 9.30 -7.25
CA PHE A 66 -8.91 9.92 -6.47
C PHE A 66 -9.75 10.82 -7.35
N ILE A 67 -11.08 10.79 -7.14
CA ILE A 67 -11.98 11.62 -7.93
C ILE A 67 -12.52 12.81 -7.14
N ALA A 68 -13.16 12.58 -5.98
CA ALA A 68 -13.78 13.68 -5.24
C ALA A 68 -14.10 13.27 -3.82
N ALA A 69 -14.19 14.29 -2.94
CA ALA A 69 -14.72 14.18 -1.60
C ALA A 69 -16.05 14.96 -1.72
N ASP A 70 -17.11 14.43 -1.12
CA ASP A 70 -18.41 15.11 -1.18
C ASP A 70 -19.29 14.73 0.00
N ASN A 71 -20.48 15.30 0.08
CA ASN A 71 -21.48 14.97 1.10
C ASN A 71 -22.71 14.58 0.31
N LYS A 72 -23.54 13.70 0.89
CA LYS A 72 -24.82 13.32 0.27
C LYS A 72 -25.83 13.20 1.41
N ASP A 73 -26.86 14.04 1.38
CA ASP A 73 -27.96 14.05 2.34
C ASP A 73 -29.14 13.27 1.79
N ASN A 74 -29.49 12.18 2.45
CA ASN A 74 -30.57 11.36 1.91
C ASN A 74 -31.93 11.82 2.37
N GLY A 75 -31.96 12.89 3.17
CA GLY A 75 -33.20 13.41 3.73
C GLY A 75 -33.36 13.10 5.21
N THR A 76 -32.56 12.12 5.74
CA THR A 76 -32.56 11.74 7.16
C THR A 76 -31.19 11.99 7.77
N TRP A 77 -30.11 11.56 7.07
CA TRP A 77 -28.77 11.82 7.56
C TRP A 77 -27.85 12.20 6.42
N THR A 78 -26.70 12.78 6.80
CA THR A 78 -25.68 13.14 5.83
C THR A 78 -24.57 12.10 5.82
N GLN A 79 -24.22 11.63 4.63
CA GLN A 79 -23.15 10.67 4.40
C GLN A 79 -21.96 11.49 3.90
N LEU A 80 -20.75 11.11 4.32
CA LEU A 80 -19.53 11.73 3.83
C LEU A 80 -18.90 10.75 2.86
N TRP A 81 -18.75 11.16 1.62
CA TRP A 81 -18.26 10.30 0.55
C TRP A 81 -16.83 10.60 0.11
N LEU A 82 -16.12 9.55 -0.30
CA LEU A 82 -14.86 9.64 -1.06
C LEU A 82 -15.13 8.81 -2.31
N VAL A 83 -14.76 9.32 -3.49
CA VAL A 83 -15.01 8.63 -4.75
C VAL A 83 -13.67 8.46 -5.42
N SER A 84 -13.41 7.28 -5.97
CA SER A 84 -12.15 6.96 -6.64
C SER A 84 -12.41 6.10 -7.84
N ASP A 85 -11.33 5.80 -8.57
CA ASP A 85 -11.40 4.81 -9.65
C ASP A 85 -11.80 3.47 -9.02
N TYR A 86 -12.44 2.63 -9.85
CA TYR A 86 -12.85 1.29 -9.44
C TYR A 86 -11.94 0.30 -10.19
N HIS A 87 -11.45 -0.69 -9.44
CA HIS A 87 -10.61 -1.77 -10.00
C HIS A 87 -11.26 -3.11 -9.67
N GLU A 88 -11.87 -3.73 -10.69
CA GLU A 88 -12.62 -4.98 -10.58
C GLU A 88 -11.91 -6.10 -9.82
N HIS A 89 -10.59 -6.24 -10.02
CA HIS A 89 -9.84 -7.30 -9.29
C HIS A 89 -9.80 -7.10 -7.77
N GLY A 90 -10.05 -5.88 -7.29
CA GLY A 90 -9.97 -5.59 -5.87
C GLY A 90 -8.53 -5.56 -5.37
N SER A 91 -8.31 -5.95 -4.11
CA SER A 91 -6.99 -5.88 -3.51
C SER A 91 -6.01 -6.93 -4.04
N LEU A 92 -4.73 -6.67 -3.80
CA LEU A 92 -3.65 -7.59 -4.15
C LEU A 92 -3.84 -8.87 -3.30
N PHE A 93 -4.35 -8.70 -2.06
CA PHE A 93 -4.63 -9.83 -1.16
C PHE A 93 -5.68 -10.74 -1.85
N ASP A 94 -6.80 -10.15 -2.36
CA ASP A 94 -7.86 -10.91 -3.04
C ASP A 94 -7.29 -11.62 -4.28
N TYR A 95 -6.54 -10.87 -5.08
CA TYR A 95 -5.93 -11.37 -6.30
C TYR A 95 -5.00 -12.57 -6.03
N LEU A 96 -4.05 -12.43 -5.07
CA LEU A 96 -3.13 -13.52 -4.74
C LEU A 96 -3.84 -14.71 -4.11
N ASN A 97 -4.97 -14.49 -3.43
CA ASN A 97 -5.73 -15.62 -2.86
C ASN A 97 -6.42 -16.37 -4.00
N ARG A 98 -6.94 -15.63 -4.98
CA ARG A 98 -7.67 -16.23 -6.13
C ARG A 98 -6.77 -16.92 -7.13
N TYR A 99 -5.63 -16.29 -7.49
CA TYR A 99 -4.73 -16.73 -8.55
C TYR A 99 -3.29 -16.98 -8.18
N THR A 100 -2.62 -17.71 -9.07
CA THR A 100 -1.17 -17.84 -9.11
C THR A 100 -0.81 -16.93 -10.25
N VAL A 101 0.45 -16.51 -10.33
CA VAL A 101 0.95 -15.58 -11.32
C VAL A 101 2.14 -16.19 -12.04
N THR A 102 2.42 -15.69 -13.25
CA THR A 102 3.60 -16.08 -14.02
C THR A 102 4.78 -15.25 -13.48
N VAL A 103 6.02 -15.55 -13.92
CA VAL A 103 7.23 -14.79 -13.54
C VAL A 103 7.02 -13.30 -13.95
N GLU A 104 6.52 -13.11 -15.19
CA GLU A 104 6.18 -11.83 -15.79
C GLU A 104 5.14 -11.15 -14.92
N GLY A 105 4.09 -11.88 -14.53
CA GLY A 105 3.03 -11.39 -13.67
C GLY A 105 3.56 -10.89 -12.34
N MET A 106 4.41 -11.70 -11.70
CA MET A 106 5.04 -11.32 -10.43
C MET A 106 5.84 -10.00 -10.54
N ILE A 107 6.70 -9.87 -11.57
CA ILE A 107 7.54 -8.67 -11.78
C ILE A 107 6.65 -7.44 -11.98
N LYS A 108 5.57 -7.57 -12.78
CA LYS A 108 4.59 -6.50 -13.02
C LYS A 108 4.01 -6.00 -11.70
N LEU A 109 3.57 -6.92 -10.84
CA LEU A 109 3.00 -6.56 -9.53
C LEU A 109 4.00 -5.87 -8.62
N ALA A 110 5.23 -6.44 -8.51
CA ALA A 110 6.28 -5.90 -7.66
C ALA A 110 6.79 -4.53 -8.14
N LEU A 111 7.11 -4.43 -9.44
CA LEU A 111 7.62 -3.20 -10.02
C LEU A 111 6.60 -2.07 -9.86
N SER A 112 5.32 -2.34 -10.14
CA SER A 112 4.29 -1.29 -10.02
C SER A 112 4.11 -0.84 -8.55
N THR A 113 4.14 -1.79 -7.59
CA THR A 113 4.05 -1.46 -6.16
C THR A 113 5.22 -0.54 -5.77
N ALA A 114 6.45 -0.91 -6.16
CA ALA A 114 7.65 -0.12 -5.87
C ALA A 114 7.57 1.26 -6.54
N SER A 115 7.05 1.34 -7.78
N SER A 115 7.04 1.33 -7.78
CA SER A 115 6.93 2.61 -8.49
CA SER A 115 6.91 2.60 -8.50
C SER A 115 5.93 3.53 -7.78
C SER A 115 5.93 3.53 -7.77
N GLY A 116 4.82 2.98 -7.29
CA GLY A 116 3.84 3.78 -6.54
C GLY A 116 4.38 4.27 -5.21
N LEU A 117 5.12 3.40 -4.50
CA LEU A 117 5.71 3.77 -3.22
C LEU A 117 6.80 4.82 -3.41
N ALA A 118 7.58 4.68 -4.49
CA ALA A 118 8.65 5.64 -4.84
C ALA A 118 8.02 7.02 -5.08
N HIS A 119 6.89 7.07 -5.79
CA HIS A 119 6.20 8.35 -6.02
C HIS A 119 5.66 8.91 -4.71
N LEU A 120 5.05 8.06 -3.88
CA LEU A 120 4.51 8.52 -2.61
C LEU A 120 5.63 9.15 -1.81
N HIS A 121 6.77 8.43 -1.70
CA HIS A 121 7.92 8.88 -0.93
C HIS A 121 8.64 10.12 -1.48
N MET A 122 8.56 10.35 -2.80
CA MET A 122 9.28 11.43 -3.49
C MET A 122 8.85 12.84 -3.05
N GLU A 123 9.84 13.67 -2.73
CA GLU A 123 9.57 15.06 -2.43
C GLU A 123 9.94 15.83 -3.69
N ILE A 124 9.12 16.82 -4.07
CA ILE A 124 9.43 17.73 -5.21
C ILE A 124 9.43 19.09 -4.55
N VAL A 125 10.61 19.75 -4.39
CA VAL A 125 10.61 21.08 -3.74
C VAL A 125 10.21 22.15 -4.79
N GLY A 126 9.77 23.32 -4.33
CA GLY A 126 9.43 24.42 -5.25
C GLY A 126 7.96 24.67 -5.51
N THR A 127 7.67 25.52 -6.54
CA THR A 127 6.36 26.07 -6.96
C THR A 127 5.19 25.07 -6.79
N GLN A 128 4.88 24.27 -7.82
CA GLN A 128 3.87 23.24 -7.69
C GLN A 128 4.66 22.02 -7.20
N GLY A 129 5.11 22.07 -5.95
CA GLY A 129 5.91 20.98 -5.41
C GLY A 129 5.07 19.78 -5.02
N LYS A 130 5.63 18.89 -4.21
CA LYS A 130 4.93 17.71 -3.69
C LYS A 130 5.63 17.35 -2.37
N PRO A 131 4.90 17.20 -1.25
CA PRO A 131 5.55 16.78 -0.02
C PRO A 131 5.83 15.26 -0.10
N ALA A 132 6.88 14.82 0.57
CA ALA A 132 7.15 13.37 0.69
C ALA A 132 6.02 12.85 1.57
N ILE A 133 5.53 11.63 1.26
CA ILE A 133 4.43 11.03 1.99
C ILE A 133 4.86 9.62 2.38
N ALA A 134 4.60 9.25 3.62
CA ALA A 134 4.87 7.88 4.10
C ALA A 134 3.51 7.28 4.39
N HIS A 135 3.32 6.03 3.98
CA HIS A 135 2.03 5.34 4.04
C HIS A 135 1.61 4.95 5.47
N ARG A 136 2.51 4.25 6.20
CA ARG A 136 2.31 3.77 7.58
CA ARG A 136 2.31 3.78 7.58
C ARG A 136 1.41 2.53 7.71
N ASP A 137 0.80 2.07 6.60
CA ASP A 137 -0.05 0.89 6.69
C ASP A 137 -0.01 0.10 5.38
N LEU A 138 1.19 -0.05 4.82
CA LEU A 138 1.31 -0.78 3.55
C LEU A 138 1.17 -2.26 3.80
N LYS A 139 0.36 -2.94 2.97
CA LYS A 139 0.05 -4.36 3.09
C LYS A 139 -0.71 -4.77 1.85
N SER A 140 -0.87 -6.07 1.63
CA SER A 140 -1.52 -6.51 0.38
C SER A 140 -3.00 -6.16 0.31
N LYS A 141 -3.68 -6.06 1.46
CA LYS A 141 -5.09 -5.64 1.46
C LYS A 141 -5.24 -4.15 1.10
N ASN A 142 -4.12 -3.38 1.07
CA ASN A 142 -4.12 -1.93 0.82
C ASN A 142 -3.53 -1.54 -0.53
N ILE A 143 -3.45 -2.51 -1.43
CA ILE A 143 -2.95 -2.31 -2.79
C ILE A 143 -4.00 -2.91 -3.69
N LEU A 144 -4.35 -2.24 -4.78
CA LEU A 144 -5.37 -2.76 -5.70
C LEU A 144 -4.69 -3.24 -6.95
N VAL A 145 -5.35 -4.13 -7.69
CA VAL A 145 -4.75 -4.63 -8.94
C VAL A 145 -5.67 -4.18 -10.08
N LYS A 146 -5.05 -3.58 -11.10
CA LYS A 146 -5.74 -3.07 -12.28
C LYS A 146 -5.95 -4.18 -13.29
N LYS A 147 -6.80 -3.90 -14.30
CA LYS A 147 -7.09 -4.84 -15.37
C LYS A 147 -5.80 -5.26 -16.13
N ASN A 148 -4.82 -4.34 -16.28
CA ASN A 148 -3.55 -4.61 -16.97
C ASN A 148 -2.51 -5.40 -16.13
N GLY A 149 -2.90 -5.90 -14.95
CA GLY A 149 -1.99 -6.69 -14.11
C GLY A 149 -0.95 -5.89 -13.35
N THR A 150 -1.15 -4.57 -13.24
CA THR A 150 -0.27 -3.70 -12.43
C THR A 150 -1.02 -3.26 -11.16
N CYS A 151 -0.29 -2.79 -10.16
CA CYS A 151 -0.85 -2.39 -8.86
C CYS A 151 -0.99 -0.89 -8.72
N CYS A 152 -1.88 -0.51 -7.79
CA CYS A 152 -1.89 0.87 -7.36
C CYS A 152 -2.10 0.90 -5.86
N ILE A 153 -1.29 1.72 -5.18
CA ILE A 153 -1.35 1.82 -3.73
C ILE A 153 -2.58 2.56 -3.31
N ALA A 154 -3.26 2.04 -2.30
CA ALA A 154 -4.49 2.61 -1.80
C ALA A 154 -4.43 2.73 -0.28
N ASP A 155 -5.58 3.03 0.35
CA ASP A 155 -5.74 3.19 1.81
C ASP A 155 -4.69 4.12 2.41
N LEU A 156 -4.65 5.36 1.89
CA LEU A 156 -3.71 6.38 2.35
C LEU A 156 -4.13 7.13 3.61
N GLY A 157 -5.23 6.72 4.23
CA GLY A 157 -5.79 7.39 5.40
C GLY A 157 -4.91 7.64 6.61
N LEU A 158 -3.90 6.75 6.80
CA LEU A 158 -2.99 6.85 7.94
C LEU A 158 -1.68 7.49 7.52
N ALA A 159 -1.60 8.01 6.30
CA ALA A 159 -0.34 8.61 5.82
C ALA A 159 0.06 9.86 6.61
N VAL A 160 1.34 10.15 6.55
CA VAL A 160 1.98 11.34 7.12
C VAL A 160 2.71 12.08 6.01
N ARG A 161 2.62 13.41 5.99
CA ARG A 161 3.29 14.22 4.96
C ARG A 161 4.41 15.07 5.56
N HIS A 162 5.49 15.22 4.84
CA HIS A 162 6.65 15.97 5.30
C HIS A 162 6.78 17.31 4.58
N ASP A 163 7.06 18.39 5.32
CA ASP A 163 7.31 19.71 4.76
C ASP A 163 8.82 19.94 4.87
N SER A 164 9.53 19.93 3.73
CA SER A 164 10.99 20.09 3.64
C SER A 164 11.52 21.41 4.23
N ALA A 165 10.89 22.54 3.88
CA ALA A 165 11.27 23.90 4.34
C ALA A 165 11.39 24.01 5.87
N THR A 166 10.40 23.47 6.61
CA THR A 166 10.35 23.52 8.08
C THR A 166 10.79 22.20 8.75
N ASP A 167 11.03 21.14 7.94
CA ASP A 167 11.38 19.77 8.38
C ASP A 167 10.35 19.23 9.38
N THR A 168 9.05 19.51 9.12
CA THR A 168 8.00 19.04 10.02
C THR A 168 7.07 18.05 9.33
N ILE A 169 6.42 17.23 10.15
CA ILE A 169 5.41 16.29 9.68
C ILE A 169 4.05 17.00 9.96
N ASP A 170 3.08 16.91 9.01
CA ASP A 170 1.82 17.65 9.09
C ASP A 170 0.92 17.28 10.28
N ILE A 171 1.13 16.11 10.90
CA ILE A 171 0.33 15.72 12.05
C ILE A 171 1.21 15.33 13.24
N ALA A 172 0.64 15.25 14.44
CA ALA A 172 1.37 14.79 15.62
C ALA A 172 1.26 13.26 15.51
N PRO A 173 2.30 12.52 15.01
CA PRO A 173 2.13 11.08 14.79
C PRO A 173 1.99 10.26 16.06
N ASN A 174 0.93 9.43 16.10
CA ASN A 174 0.63 8.50 17.19
C ASN A 174 1.52 7.27 17.03
N HIS A 175 1.94 6.67 18.15
CA HIS A 175 2.79 5.48 18.08
C HIS A 175 1.98 4.27 17.64
N ARG A 176 2.64 3.35 16.94
CA ARG A 176 2.13 2.06 16.50
C ARG A 176 0.76 2.10 15.83
N VAL A 177 0.64 2.98 14.81
CA VAL A 177 -0.56 2.97 13.99
C VAL A 177 -0.18 1.89 12.95
N GLY A 178 -1.18 1.37 12.29
CA GLY A 178 -0.93 0.39 11.25
C GLY A 178 -1.32 -1.00 11.67
N THR A 179 -1.27 -1.89 10.69
CA THR A 179 -1.62 -3.28 10.89
C THR A 179 -0.42 -3.91 11.60
N LYS A 180 -0.67 -4.53 12.76
CA LYS A 180 0.43 -5.07 13.58
C LYS A 180 1.36 -6.04 12.85
N ARG A 181 0.79 -6.96 12.07
CA ARG A 181 1.55 -7.95 11.32
C ARG A 181 2.65 -7.34 10.44
N TYR A 182 2.37 -6.16 9.85
CA TYR A 182 3.33 -5.54 8.93
C TYR A 182 4.20 -4.46 9.57
N MET A 183 4.06 -4.24 10.89
CA MET A 183 4.85 -3.19 11.56
C MET A 183 6.31 -3.52 11.51
N ALA A 184 7.11 -2.50 11.23
CA ALA A 184 8.55 -2.63 11.19
C ALA A 184 9.10 -2.93 12.60
N PRO A 185 10.30 -3.59 12.70
CA PRO A 185 10.89 -3.90 14.01
C PRO A 185 10.98 -2.69 14.96
N GLU A 186 11.44 -1.52 14.44
CA GLU A 186 11.57 -0.27 15.20
C GLU A 186 10.20 0.30 15.66
N VAL A 187 9.12 -0.01 14.91
CA VAL A 187 7.77 0.41 15.31
C VAL A 187 7.29 -0.53 16.44
N LEU A 188 7.48 -1.84 16.26
CA LEU A 188 7.10 -2.84 17.28
C LEU A 188 7.77 -2.60 18.62
N ASP A 189 9.10 -2.32 18.63
CA ASP A 189 9.81 -2.10 19.91
C ASP A 189 9.85 -0.64 20.36
N ASP A 190 9.20 0.25 19.57
CA ASP A 190 9.11 1.69 19.83
C ASP A 190 10.47 2.41 19.88
N SER A 191 11.49 1.90 19.17
CA SER A 191 12.81 2.55 19.08
C SER A 191 12.80 3.61 17.96
N ILE A 192 11.78 3.57 17.09
CA ILE A 192 11.66 4.50 15.95
C ILE A 192 11.73 5.96 16.42
N ASN A 193 12.52 6.76 15.73
CA ASN A 193 12.61 8.19 16.02
C ASN A 193 11.58 8.88 15.09
N MET A 194 10.36 9.10 15.61
CA MET A 194 9.24 9.67 14.84
C MET A 194 9.41 11.15 14.49
N LYS A 195 10.53 11.78 14.91
CA LYS A 195 10.88 13.17 14.60
C LYS A 195 11.66 13.22 13.28
N HIS A 196 12.20 12.08 12.83
CA HIS A 196 12.92 11.97 11.57
C HIS A 196 11.96 11.29 10.60
N PHE A 197 11.48 12.05 9.60
CA PHE A 197 10.53 11.55 8.61
C PHE A 197 11.07 10.32 7.85
N GLU A 198 12.38 10.29 7.56
CA GLU A 198 13.03 9.13 6.89
C GLU A 198 12.72 7.80 7.63
N SER A 199 12.47 7.87 8.96
CA SER A 199 12.11 6.71 9.78
C SER A 199 10.82 6.06 9.22
N PHE A 200 9.84 6.90 8.83
CA PHE A 200 8.58 6.43 8.29
C PHE A 200 8.73 5.80 6.94
N LYS A 201 9.56 6.40 6.05
CA LYS A 201 9.80 5.83 4.73
C LYS A 201 10.45 4.46 4.89
N ARG A 202 11.43 4.34 5.80
CA ARG A 202 12.14 3.07 6.02
C ARG A 202 11.20 1.97 6.50
N ALA A 203 10.25 2.32 7.38
CA ALA A 203 9.26 1.37 7.92
C ALA A 203 8.33 0.87 6.79
N ASP A 204 7.98 1.77 5.84
CA ASP A 204 7.17 1.38 4.67
C ASP A 204 7.91 0.34 3.83
N ILE A 205 9.27 0.49 3.70
CA ILE A 205 10.07 -0.43 2.89
C ILE A 205 10.04 -1.85 3.48
N TYR A 206 10.14 -1.97 4.80
CA TYR A 206 10.05 -3.27 5.48
C TYR A 206 8.70 -3.94 5.10
N ALA A 207 7.58 -3.18 5.23
CA ALA A 207 6.25 -3.70 4.87
C ALA A 207 6.21 -4.10 3.39
N MET A 208 6.79 -3.29 2.48
CA MET A 208 6.84 -3.67 1.07
C MET A 208 7.56 -5.01 0.86
N GLY A 209 8.61 -5.26 1.62
CA GLY A 209 9.32 -6.53 1.55
C GLY A 209 8.40 -7.70 1.86
N LEU A 210 7.56 -7.53 2.88
CA LEU A 210 6.59 -8.55 3.25
C LEU A 210 5.60 -8.80 2.11
N VAL A 211 5.11 -7.72 1.49
CA VAL A 211 4.19 -7.83 0.33
C VAL A 211 4.87 -8.60 -0.82
N PHE A 212 6.14 -8.29 -1.10
CA PHE A 212 6.88 -8.99 -2.16
C PHE A 212 6.96 -10.51 -1.90
N TRP A 213 7.14 -10.87 -0.63
CA TRP A 213 7.17 -12.29 -0.23
C TRP A 213 5.82 -12.94 -0.55
N GLU A 214 4.72 -12.24 -0.26
CA GLU A 214 3.35 -12.73 -0.55
C GLU A 214 3.18 -12.98 -2.03
N ILE A 215 3.68 -12.08 -2.87
CA ILE A 215 3.58 -12.19 -4.34
C ILE A 215 4.42 -13.38 -4.86
N ALA A 216 5.69 -13.43 -4.47
CA ALA A 216 6.68 -14.47 -4.85
C ALA A 216 6.17 -15.89 -4.57
N ARG A 217 5.47 -16.10 -3.43
CA ARG A 217 4.89 -17.41 -3.08
C ARG A 217 3.92 -17.91 -4.15
N ARG A 218 3.23 -16.96 -4.81
CA ARG A 218 2.20 -17.26 -5.78
C ARG A 218 2.71 -17.35 -7.20
N CYS A 219 4.00 -17.15 -7.38
CA CYS A 219 4.61 -17.26 -8.69
C CYS A 219 4.74 -18.76 -9.05
N SER A 220 4.04 -19.19 -10.10
CA SER A 220 4.01 -20.58 -10.57
C SER A 220 4.95 -20.80 -11.77
N ILE A 221 5.90 -21.75 -11.60
CA ILE A 221 6.87 -22.14 -12.65
C ILE A 221 6.84 -23.66 -12.65
N GLY A 222 6.56 -24.24 -13.82
CA GLY A 222 6.42 -25.68 -13.97
C GLY A 222 5.41 -26.28 -13.02
N GLY A 223 4.34 -25.51 -12.76
CA GLY A 223 3.26 -25.89 -11.85
C GLY A 223 3.64 -25.85 -10.38
N ILE A 224 4.86 -25.41 -10.07
CA ILE A 224 5.38 -25.33 -8.70
C ILE A 224 5.12 -23.93 -8.12
N HIS A 225 4.39 -23.87 -7.00
CA HIS A 225 4.10 -22.63 -6.28
C HIS A 225 3.74 -22.94 -4.83
N GLU A 226 3.70 -21.90 -3.99
CA GLU A 226 3.30 -22.05 -2.59
C GLU A 226 1.83 -21.65 -2.45
N ASP A 227 1.14 -22.08 -1.37
CA ASP A 227 -0.25 -21.67 -1.17
C ASP A 227 -0.28 -20.22 -0.67
N TYR A 228 -1.41 -19.49 -0.80
CA TYR A 228 -1.42 -18.12 -0.33
C TYR A 228 -1.27 -18.07 1.19
N GLN A 229 -0.37 -17.18 1.70
CA GLN A 229 -0.29 -16.96 3.14
C GLN A 229 0.07 -15.50 3.42
N LEU A 230 -0.39 -14.99 4.57
CA LEU A 230 0.00 -13.67 5.05
C LEU A 230 1.39 -13.82 5.67
N PRO A 231 2.25 -12.76 5.66
CA PRO A 231 3.56 -12.90 6.31
C PRO A 231 3.39 -13.30 7.78
N TYR A 232 4.27 -14.20 8.29
CA TYR A 232 4.22 -14.65 9.71
C TYR A 232 3.04 -15.58 10.04
N TYR A 233 2.34 -16.13 9.01
CA TYR A 233 1.23 -17.10 9.23
C TYR A 233 1.66 -18.30 10.09
N ASP A 234 2.96 -18.61 10.06
CA ASP A 234 3.66 -19.73 10.70
C ASP A 234 4.15 -19.44 12.11
N LEU A 235 4.02 -18.19 12.58
CA LEU A 235 4.60 -17.76 13.85
C LEU A 235 3.68 -17.03 14.79
N VAL A 236 2.60 -16.44 14.24
CA VAL A 236 1.72 -15.63 15.08
C VAL A 236 0.27 -16.02 14.84
N PRO A 237 -0.65 -15.79 15.80
CA PRO A 237 -2.05 -16.11 15.52
C PRO A 237 -2.67 -15.07 14.59
N SER A 238 -3.92 -15.32 14.17
CA SER A 238 -4.67 -14.34 13.39
C SER A 238 -4.85 -13.15 14.36
N ASP A 239 -4.93 -11.94 13.82
CA ASP A 239 -5.06 -10.70 14.60
C ASP A 239 -3.97 -10.60 15.71
N PRO A 240 -2.67 -10.69 15.32
CA PRO A 240 -1.62 -10.68 16.35
C PRO A 240 -1.51 -9.36 17.09
N SER A 241 -1.13 -9.42 18.37
CA SER A 241 -0.93 -8.23 19.19
C SER A 241 0.47 -7.69 18.89
N VAL A 242 0.78 -6.46 19.35
CA VAL A 242 2.12 -5.88 19.21
C VAL A 242 3.14 -6.79 19.93
N GLU A 243 2.78 -7.26 21.14
CA GLU A 243 3.67 -8.10 21.94
C GLU A 243 3.98 -9.43 21.20
N GLU A 244 2.96 -10.08 20.60
CA GLU A 244 3.19 -11.30 19.82
C GLU A 244 4.16 -11.06 18.64
N MET A 245 3.92 -9.96 17.91
CA MET A 245 4.79 -9.61 16.79
C MET A 245 6.21 -9.28 17.24
N ARG A 246 6.34 -8.41 18.26
CA ARG A 246 7.63 -7.99 18.81
C ARG A 246 8.48 -9.21 19.21
N LYS A 247 7.88 -10.18 19.92
CA LYS A 247 8.62 -11.40 20.34
C LYS A 247 9.22 -12.13 19.12
N VAL A 248 8.48 -12.18 18.00
CA VAL A 248 8.95 -12.90 16.81
C VAL A 248 9.98 -12.10 16.01
N VAL A 249 9.59 -10.86 15.66
CA VAL A 249 10.34 -9.99 14.75
C VAL A 249 11.56 -9.35 15.46
N CYS A 250 11.38 -8.81 16.68
CA CYS A 250 12.46 -8.11 17.41
C CYS A 250 13.29 -9.02 18.30
N GLU A 251 12.64 -9.90 19.07
CA GLU A 251 13.44 -10.70 20.02
C GLU A 251 14.04 -11.92 19.36
N GLN A 252 13.22 -12.70 18.65
CA GLN A 252 13.71 -13.93 18.01
C GLN A 252 14.36 -13.64 16.67
N LYS A 253 14.14 -12.43 16.12
CA LYS A 253 14.74 -11.96 14.86
C LYS A 253 14.30 -12.75 13.63
N LEU A 254 13.09 -13.33 13.68
CA LEU A 254 12.61 -14.07 12.53
C LEU A 254 11.98 -13.19 11.43
N ARG A 255 12.07 -13.71 10.21
CA ARG A 255 11.45 -13.09 9.03
C ARG A 255 10.68 -14.19 8.25
N PRO A 256 9.79 -13.87 7.29
CA PRO A 256 9.16 -14.95 6.50
C PRO A 256 10.25 -15.80 5.82
N ASN A 257 10.02 -17.10 5.77
CA ASN A 257 10.96 -18.06 5.20
C ASN A 257 11.11 -17.88 3.69
N ILE A 258 12.34 -17.85 3.21
CA ILE A 258 12.67 -17.76 1.78
C ILE A 258 13.00 -19.20 1.30
N PRO A 259 12.05 -19.87 0.61
CA PRO A 259 12.30 -21.27 0.17
C PRO A 259 13.41 -21.44 -0.86
N ASN A 260 14.07 -22.61 -0.81
CA ASN A 260 15.16 -23.02 -1.68
C ASN A 260 14.83 -22.90 -3.17
N ARG A 261 13.58 -23.24 -3.59
CA ARG A 261 13.16 -23.17 -5.01
C ARG A 261 13.29 -21.74 -5.62
N TRP A 262 13.44 -20.68 -4.79
CA TRP A 262 13.58 -19.30 -5.29
C TRP A 262 14.99 -19.00 -5.80
N GLN A 263 15.95 -19.92 -5.58
CA GLN A 263 17.32 -19.79 -6.05
C GLN A 263 17.48 -20.34 -7.48
N SER A 264 16.54 -21.19 -7.95
CA SER A 264 16.56 -21.81 -9.28
C SER A 264 16.15 -20.89 -10.43
N CYS A 265 15.47 -19.78 -10.10
CA CYS A 265 14.94 -18.84 -11.06
C CYS A 265 15.54 -17.46 -10.83
N GLU A 266 16.01 -16.80 -11.89
CA GLU A 266 16.62 -15.46 -11.84
C GLU A 266 15.68 -14.40 -11.23
N ALA A 267 14.44 -14.34 -11.74
CA ALA A 267 13.43 -13.39 -11.24
C ALA A 267 13.22 -13.58 -9.72
N LEU A 268 13.13 -14.84 -9.26
CA LEU A 268 12.93 -15.15 -7.85
C LEU A 268 14.17 -14.86 -6.99
N ARG A 269 15.39 -15.02 -7.55
CA ARG A 269 16.63 -14.68 -6.83
C ARG A 269 16.67 -13.16 -6.60
N VAL A 270 16.29 -12.37 -7.62
CA VAL A 270 16.25 -10.92 -7.55
C VAL A 270 15.24 -10.49 -6.47
N MET A 271 14.03 -11.08 -6.51
CA MET A 271 12.94 -10.79 -5.55
C MET A 271 13.37 -11.13 -4.12
N ALA A 272 13.95 -12.33 -3.92
CA ALA A 272 14.44 -12.80 -2.62
C ALA A 272 15.49 -11.84 -2.04
N LYS A 273 16.44 -11.36 -2.89
CA LYS A 273 17.48 -10.43 -2.46
C LYS A 273 16.87 -9.11 -2.01
N ILE A 274 15.89 -8.60 -2.78
CA ILE A 274 15.17 -7.39 -2.40
C ILE A 274 14.50 -7.60 -1.03
N MET A 275 13.77 -8.70 -0.84
CA MET A 275 13.13 -8.98 0.45
C MET A 275 14.12 -8.90 1.63
N ARG A 276 15.28 -9.60 1.51
CA ARG A 276 16.30 -9.58 2.55
C ARG A 276 16.77 -8.17 2.84
N GLU A 277 16.95 -7.35 1.76
CA GLU A 277 17.40 -5.97 1.90
C GLU A 277 16.30 -4.99 2.31
N CYS A 278 15.03 -5.47 2.46
CA CYS A 278 13.92 -4.66 3.01
C CYS A 278 13.75 -5.04 4.47
N TRP A 279 14.21 -6.26 4.83
CA TRP A 279 13.93 -6.84 6.15
C TRP A 279 14.99 -6.59 7.25
N TYR A 280 16.09 -5.91 6.91
CA TYR A 280 17.07 -5.59 7.96
C TYR A 280 16.41 -4.92 9.17
N ALA A 281 16.88 -5.27 10.39
CA ALA A 281 16.32 -4.62 11.58
C ALA A 281 16.65 -3.12 11.59
N ASN A 282 17.82 -2.75 11.03
CA ASN A 282 18.27 -1.37 10.96
C ASN A 282 17.69 -0.74 9.69
N GLY A 283 16.68 0.10 9.88
CA GLY A 283 16.00 0.83 8.82
C GLY A 283 16.93 1.57 7.88
N ALA A 284 18.04 2.13 8.41
CA ALA A 284 19.04 2.84 7.61
C ALA A 284 19.74 1.96 6.56
N ALA A 285 19.76 0.63 6.79
CA ALA A 285 20.40 -0.32 5.87
C ALA A 285 19.50 -0.78 4.72
N ARG A 286 18.18 -0.52 4.86
CA ARG A 286 17.21 -0.97 3.86
C ARG A 286 17.36 -0.23 2.54
N LEU A 287 16.96 -0.88 1.44
CA LEU A 287 16.91 -0.27 0.11
C LEU A 287 15.86 0.85 0.11
N THR A 288 15.94 1.77 -0.84
CA THR A 288 14.90 2.79 -0.98
C THR A 288 13.91 2.26 -2.02
N ALA A 289 12.70 2.86 -2.08
CA ALA A 289 11.70 2.44 -3.07
C ALA A 289 12.25 2.72 -4.48
N LEU A 290 12.98 3.84 -4.63
CA LEU A 290 13.56 4.20 -5.92
C LEU A 290 14.58 3.16 -6.39
N ARG A 291 15.46 2.66 -5.48
CA ARG A 291 16.45 1.64 -5.83
C ARG A 291 15.77 0.34 -6.26
N ILE A 292 14.73 -0.09 -5.52
CA ILE A 292 13.94 -1.26 -5.86
C ILE A 292 13.29 -1.08 -7.24
N LYS A 293 12.67 0.09 -7.48
CA LYS A 293 12.05 0.37 -8.77
C LYS A 293 13.11 0.18 -9.91
N LYS A 294 14.33 0.73 -9.72
CA LYS A 294 15.42 0.64 -10.70
CA LYS A 294 15.41 0.63 -10.71
C LYS A 294 15.79 -0.82 -10.95
N THR A 295 15.99 -1.62 -9.88
CA THR A 295 16.34 -3.02 -9.98
C THR A 295 15.27 -3.82 -10.74
N LEU A 296 13.99 -3.63 -10.37
CA LEU A 296 12.90 -4.33 -11.02
C LEU A 296 12.60 -3.84 -12.43
N SER A 297 12.96 -2.59 -12.75
CA SER A 297 12.77 -2.05 -14.09
C SER A 297 13.77 -2.72 -15.04
N GLN A 298 15.03 -2.89 -14.59
CA GLN A 298 16.10 -3.57 -15.33
C GLN A 298 15.70 -5.02 -15.57
N LEU A 299 15.10 -5.69 -14.55
CA LEU A 299 14.62 -7.08 -14.67
C LEU A 299 13.46 -7.22 -15.68
N SER A 300 12.44 -6.32 -15.62
CA SER A 300 11.29 -6.39 -16.53
C SER A 300 11.74 -6.16 -17.98
N GLN A 301 12.76 -5.29 -18.16
CA GLN A 301 13.34 -4.99 -19.46
C GLN A 301 14.01 -6.27 -20.01
N GLN A 302 14.79 -6.98 -19.18
CA GLN A 302 15.48 -8.23 -19.56
C GLN A 302 14.51 -9.35 -19.90
N GLU A 303 13.31 -9.35 -19.28
CA GLU A 303 12.28 -10.37 -19.50
C GLU A 303 11.36 -10.01 -20.67
N GLY A 304 11.43 -8.76 -21.12
CA GLY A 304 10.63 -8.26 -22.24
C GLY A 304 9.15 -8.15 -21.94
N ILE A 305 8.82 -7.61 -20.74
CA ILE A 305 7.44 -7.45 -20.29
C ILE A 305 6.75 -6.30 -21.01
N LYS A 306 5.64 -6.62 -21.72
CA LYS A 306 4.79 -5.68 -22.47
C LYS A 306 3.99 -4.77 -21.55
C13 QMV B . -12.38 6.05 -2.38
C18 QMV B . -10.79 0.92 0.84
C16 QMV B . -10.89 4.74 -1.06
C15 QMV B . -11.23 5.95 -1.63
C20 QMV B . -10.54 -1.27 -0.34
C21 QMV B . -9.31 -1.56 -1.17
C23 QMV B . -11.05 1.54 -3.77
C24 QMV B . -11.20 1.16 -5.06
C11 QMV B . -12.84 3.74 -2.07
C12 QMV B . -13.20 4.97 -2.61
C27 QMV B . -12.35 -2.03 -6.07
CL1 QMV B . -10.20 7.32 -1.42
N2 QMV B . -12.92 -4.09 -3.12
C3 QMV B . -12.68 -3.24 -3.85
C4 QMV B . -12.36 -2.15 -4.71
N5 QMV B . -11.95 -0.94 -4.24
N6 QMV B . -11.86 -0.57 -2.91
C7 QMV B . -11.39 0.65 -2.69
C8 QMV B . -11.19 1.05 -1.32
C9 QMV B . -11.31 2.30 -0.72
C10 QMV B . -11.69 3.61 -1.29
F14 QMV B . -12.69 7.25 -2.90
N17 QMV B . -11.05 2.18 0.65
N19 QMV B . -10.85 0.18 -0.29
O22 QMV B . -8.11 -1.20 -0.49
C25 QMV B . -11.66 -0.14 -5.33
N26 QMV B . -11.90 -0.80 -6.47
H35 QMV B . -10.55 0.49 1.81
H34 QMV B . -10.01 4.67 -0.43
H31 QMV B . -11.40 -1.86 -0.67
H30 QMV B . -10.38 -1.59 0.68
H28 QMV B . -9.36 -1.06 -2.13
H29 QMV B . -9.27 -2.62 -1.38
H37 QMV B . -10.63 2.51 -3.52
H38 QMV B . -10.94 1.81 -5.91
H32 QMV B . -13.44 2.87 -2.29
H33 QMV B . -14.12 5.08 -3.16
H39 QMV B . -12.70 -2.78 -6.80
H36 QMV B . -8.34 -0.54 0.21
C1 GOL C . -31.25 17.34 6.95
O1 GOL C . -31.55 17.72 5.61
C2 GOL C . -31.75 15.93 7.20
O2 GOL C . -30.79 14.98 6.74
C3 GOL C . -32.00 15.74 8.68
O3 GOL C . -32.88 14.64 8.92
#